data_4E44
#
_entry.id   4E44
#
_cell.length_a   40.780
_cell.length_b   91.930
_cell.length_c   61.430
_cell.angle_alpha   90.000
_cell.angle_beta   96.300
_cell.angle_gamma   90.000
#
_symmetry.space_group_name_H-M   'P 1 21 1'
#
loop_
_entity.id
_entity.type
_entity.pdbx_description
1 polymer 'Centromere protein S'
2 polymer 'Centromere protein X'
3 water water
#
loop_
_entity_poly.entity_id
_entity_poly.type
_entity_poly.pdbx_seq_one_letter_code
_entity_poly.pdbx_strand_id
1 'polypeptide(L)'
;GSMEEEAETEEQQRFSYQQRLKAAVHYTVGCLCEEVALDKEMQFSKQTIAAISELTFRQCENFAKDLEMFARHAKRTTIN
TEDVKLLARRSNSLLKYITDKSEEIAQINLER
;
A,C
2 'polypeptide(L)'
;GSMEGAGAGSGFRKELVSRLLHLHFKDDKTKVSGDALQLMVELLKVFVVEAAVRGVRQAQAEDALRVDVDQLEKVLPQLL
LDF
;
B,D
#
# COMPACT_ATOMS: atom_id res chain seq x y z
N GLY A 1 20.89 17.45 -37.57
CA GLY A 1 19.90 17.57 -36.44
C GLY A 1 19.16 16.26 -36.39
N SER A 2 19.89 15.20 -36.04
CA SER A 2 19.40 13.85 -36.15
C SER A 2 18.32 13.49 -35.11
N MET A 3 17.66 12.37 -35.34
CA MET A 3 16.63 11.90 -34.41
C MET A 3 17.23 11.53 -33.05
N GLU A 4 18.44 10.98 -33.04
CA GLU A 4 19.07 10.56 -31.82
C GLU A 4 19.52 11.79 -31.05
N GLU A 5 19.95 12.86 -31.72
CA GLU A 5 20.30 14.12 -31.05
C GLU A 5 19.05 14.80 -30.44
N GLU A 6 17.94 14.79 -31.17
CA GLU A 6 16.65 15.28 -30.63
C GLU A 6 16.17 14.47 -29.40
N ALA A 7 16.24 13.15 -29.46
CA ALA A 7 15.86 12.30 -28.32
C ALA A 7 16.72 12.63 -27.09
N GLU A 8 18.04 12.79 -27.27
CA GLU A 8 18.92 13.16 -26.17
C GLU A 8 18.51 14.52 -25.55
N THR A 9 18.22 15.53 -26.38
CA THR A 9 17.82 16.84 -25.86
C THR A 9 16.48 16.80 -25.08
N GLU A 10 15.52 16.06 -25.61
CA GLU A 10 14.24 15.85 -24.91
C GLU A 10 14.42 15.13 -23.56
N GLU A 11 15.27 14.12 -23.50
CA GLU A 11 15.56 13.39 -22.24
C GLU A 11 16.22 14.34 -21.23
N GLN A 12 17.20 15.11 -21.70
CA GLN A 12 17.79 16.15 -20.86
C GLN A 12 16.73 17.12 -20.29
N GLN A 13 15.75 17.55 -21.11
CA GLN A 13 14.69 18.45 -20.65
C GLN A 13 13.76 17.77 -19.59
N ARG A 14 13.40 16.50 -19.82
CA ARG A 14 12.57 15.75 -18.85
C ARG A 14 13.33 15.59 -17.51
N PHE A 15 14.60 15.20 -17.62
CA PHE A 15 15.48 15.01 -16.48
C PHE A 15 15.61 16.30 -15.66
N SER A 16 15.94 17.42 -16.29
CA SER A 16 16.12 18.65 -15.52
C SER A 16 14.80 19.16 -14.90
N TYR A 17 13.67 18.90 -15.53
CA TYR A 17 12.38 19.27 -14.97
C TYR A 17 12.08 18.46 -13.70
N GLN A 18 12.35 17.17 -13.77
CA GLN A 18 12.19 16.27 -12.61
C GLN A 18 13.09 16.69 -11.46
N GLN A 19 14.34 17.02 -11.79
CA GLN A 19 15.31 17.54 -10.83
C GLN A 19 14.86 18.83 -10.19
N ARG A 20 14.29 19.75 -10.96
CA ARG A 20 13.76 21.00 -10.39
C ARG A 20 12.56 20.72 -9.47
N LEU A 21 11.76 19.70 -9.81
CA LEU A 21 10.63 19.34 -8.98
C LEU A 21 11.14 18.77 -7.67
N LYS A 22 12.13 17.89 -7.74
CA LYS A 22 12.75 17.31 -6.57
C LYS A 22 13.36 18.37 -5.65
N ALA A 23 14.01 19.37 -6.26
CA ALA A 23 14.60 20.50 -5.52
C ALA A 23 13.55 21.24 -4.75
N ALA A 24 12.46 21.63 -5.42
CA ALA A 24 11.35 22.36 -4.76
C ALA A 24 10.71 21.54 -3.63
N VAL A 25 10.59 20.23 -3.79
CA VAL A 25 10.10 19.39 -2.67
C VAL A 25 11.09 19.38 -1.49
N HIS A 26 12.39 19.30 -1.81
CA HIS A 26 13.46 19.32 -0.83
C HIS A 26 13.48 20.60 -0.06
N TYR A 27 13.28 21.70 -0.73
CA TYR A 27 13.16 23.00 -0.06
C TYR A 27 12.08 22.98 1.05
N THR A 28 10.84 22.69 0.68
CA THR A 28 9.75 22.66 1.63
C THR A 28 9.96 21.61 2.72
N VAL A 29 10.51 20.46 2.36
CA VAL A 29 10.77 19.42 3.35
C VAL A 29 11.77 19.99 4.37
N GLY A 30 12.83 20.67 3.91
CA GLY A 30 13.80 21.32 4.80
C GLY A 30 13.12 22.29 5.75
N CYS A 31 12.17 23.10 5.24
CA CYS A 31 11.42 24.05 6.06
C CYS A 31 10.57 23.37 7.15
N LEU A 32 9.88 22.28 6.80
CA LEU A 32 9.07 21.56 7.75
C LEU A 32 9.95 20.90 8.80
N CYS A 33 11.12 20.40 8.39
CA CYS A 33 11.96 19.65 9.29
C CYS A 33 12.64 20.61 10.26
N GLU A 34 12.87 21.84 9.80
CA GLU A 34 13.43 22.86 10.63
C GLU A 34 12.45 23.25 11.72
N GLU A 35 11.14 23.33 11.40
CA GLU A 35 10.12 23.62 12.41
C GLU A 35 10.02 22.46 13.39
N VAL A 36 10.11 21.21 12.90
CA VAL A 36 10.06 20.08 13.81
C VAL A 36 11.27 20.09 14.78
N ALA A 37 12.48 20.32 14.26
CA ALA A 37 13.71 20.33 14.99
C ALA A 37 13.69 21.36 16.13
N LEU A 38 13.25 22.58 15.84
CA LEU A 38 13.08 23.62 16.88
C LEU A 38 12.01 23.27 17.92
N ASP A 39 10.90 22.71 17.49
CA ASP A 39 9.81 22.41 18.39
C ASP A 39 10.20 21.26 19.36
N LYS A 40 10.92 20.27 18.83
CA LYS A 40 11.29 19.07 19.59
C LYS A 40 12.69 19.14 20.14
N GLU A 41 13.44 20.19 19.77
CA GLU A 41 14.81 20.35 20.23
C GLU A 41 15.56 19.05 19.99
N MET A 42 15.50 18.61 18.71
CA MET A 42 16.26 17.46 18.20
C MET A 42 16.72 17.77 16.79
N GLN A 43 18.01 17.63 16.56
CA GLN A 43 18.62 17.97 15.31
C GLN A 43 18.43 16.84 14.26
N PHE A 44 18.25 17.22 12.99
CA PHE A 44 18.24 16.26 11.86
C PHE A 44 19.52 16.33 11.03
N SER A 45 20.09 15.19 10.66
CA SER A 45 21.19 15.23 9.70
C SER A 45 20.71 15.75 8.33
N LYS A 46 21.66 16.20 7.52
CA LYS A 46 21.38 16.62 6.15
C LYS A 46 20.89 15.40 5.35
N GLN A 47 21.49 14.23 5.61
CA GLN A 47 21.11 12.97 4.94
C GLN A 47 19.68 12.55 5.30
N THR A 48 19.23 12.80 6.54
CA THR A 48 17.89 12.48 6.95
C THR A 48 16.87 13.32 6.18
N ILE A 49 17.16 14.61 6.01
CA ILE A 49 16.26 15.53 5.34
C ILE A 49 16.12 15.16 3.83
N ALA A 50 17.26 14.84 3.22
CA ALA A 50 17.30 14.33 1.83
C ALA A 50 16.50 13.06 1.70
N ALA A 51 16.61 12.14 2.66
CA ALA A 51 15.87 10.91 2.60
C ALA A 51 14.37 11.16 2.73
N ILE A 52 13.98 12.13 3.57
CA ILE A 52 12.56 12.43 3.73
C ILE A 52 12.04 13.07 2.44
N SER A 53 12.85 13.93 1.84
CA SER A 53 12.46 14.61 0.61
C SER A 53 12.24 13.60 -0.59
N GLU A 54 13.14 12.62 -0.73
CA GLU A 54 13.05 11.57 -1.76
C GLU A 54 11.83 10.65 -1.49
N LEU A 55 11.55 10.40 -0.21
CA LEU A 55 10.36 9.66 0.18
C LEU A 55 9.07 10.43 -0.14
N THR A 56 9.06 11.75 0.06
CA THR A 56 7.88 12.54 -0.18
C THR A 56 7.60 12.63 -1.72
N PHE A 57 8.66 12.72 -2.49
CA PHE A 57 8.59 12.76 -3.93
C PHE A 57 7.97 11.46 -4.44
N ARG A 58 8.45 10.31 -3.95
CA ARG A 58 7.91 8.97 -4.28
C ARG A 58 6.46 8.82 -3.83
N GLN A 59 6.14 9.32 -2.64
CA GLN A 59 4.81 9.14 -2.11
C GLN A 59 3.80 9.85 -3.03
N CYS A 60 4.16 11.00 -3.58
CA CYS A 60 3.32 11.70 -4.58
C CYS A 60 2.92 10.81 -5.76
N GLU A 61 3.84 9.97 -6.20
CA GLU A 61 3.60 9.04 -7.30
C GLU A 61 2.45 8.09 -6.94
N ASN A 62 2.49 7.53 -5.73
CA ASN A 62 1.47 6.60 -5.28
C ASN A 62 0.17 7.31 -4.99
N PHE A 63 0.23 8.55 -4.49
CA PHE A 63 -0.98 9.32 -4.29
C PHE A 63 -1.69 9.64 -5.62
N ALA A 64 -0.92 10.02 -6.62
CA ALA A 64 -1.48 10.45 -7.89
C ALA A 64 -2.14 9.26 -8.63
N LYS A 65 -1.46 8.11 -8.65
CA LYS A 65 -1.93 6.95 -9.37
C LYS A 65 -3.23 6.41 -8.74
N ASP A 66 -3.23 6.35 -7.39
CA ASP A 66 -4.39 5.94 -6.65
C ASP A 66 -5.55 6.88 -6.92
N LEU A 67 -5.35 8.20 -6.77
CA LEU A 67 -6.41 9.16 -6.99
C LEU A 67 -7.06 8.98 -8.38
N GLU A 68 -6.23 8.82 -9.40
CA GLU A 68 -6.71 8.75 -10.77
C GLU A 68 -7.55 7.49 -10.93
N MET A 69 -7.05 6.39 -10.35
CA MET A 69 -7.72 5.11 -10.36
C MET A 69 -9.03 5.18 -9.60
N PHE A 70 -9.08 5.91 -8.49
CA PHE A 70 -10.34 6.02 -7.72
C PHE A 70 -11.38 6.85 -8.47
N ALA A 71 -10.96 7.95 -9.08
CA ALA A 71 -11.85 8.81 -9.91
C ALA A 71 -12.49 8.00 -11.08
N ARG A 72 -11.63 7.33 -11.83
CA ARG A 72 -12.02 6.52 -12.96
C ARG A 72 -12.94 5.36 -12.54
N HIS A 73 -12.76 4.84 -11.32
CA HIS A 73 -13.57 3.76 -10.79
C HIS A 73 -15.00 4.21 -10.68
N ALA A 74 -15.17 5.47 -10.33
CA ALA A 74 -16.44 6.14 -10.24
C ALA A 74 -16.82 6.81 -11.55
N LYS A 75 -16.15 6.50 -12.68
CA LYS A 75 -16.39 7.12 -14.01
C LYS A 75 -16.30 8.63 -14.04
N ARG A 76 -15.26 9.16 -13.38
CA ARG A 76 -14.99 10.59 -13.35
C ARG A 76 -13.60 10.79 -13.88
N THR A 77 -13.39 11.89 -14.61
CA THR A 77 -12.03 12.25 -15.05
C THR A 77 -11.50 13.34 -14.09
N THR A 78 -12.37 13.82 -13.20
CA THR A 78 -12.01 14.87 -12.23
C THR A 78 -11.96 14.28 -10.82
N ILE A 79 -10.77 14.31 -10.25
CA ILE A 79 -10.50 13.82 -8.90
C ILE A 79 -11.15 14.78 -7.93
N ASN A 80 -11.90 14.22 -6.98
CA ASN A 80 -12.60 15.01 -5.95
C ASN A 80 -12.24 14.60 -4.52
N THR A 81 -12.84 15.27 -3.54
CA THR A 81 -12.49 15.08 -2.15
C THR A 81 -12.84 13.69 -1.63
N GLU A 82 -13.81 13.02 -2.27
CA GLU A 82 -14.14 11.65 -1.90
C GLU A 82 -13.03 10.69 -2.34
N ASP A 83 -12.33 11.00 -3.43
CA ASP A 83 -11.19 10.17 -3.84
C ASP A 83 -10.05 10.34 -2.84
N VAL A 84 -9.88 11.57 -2.36
CA VAL A 84 -8.83 11.89 -1.42
C VAL A 84 -9.15 11.23 -0.09
N LYS A 85 -10.40 11.28 0.38
CA LYS A 85 -10.79 10.50 1.59
C LYS A 85 -10.53 8.99 1.50
N LEU A 86 -10.65 8.41 0.31
CA LEU A 86 -10.36 7.01 0.10
C LEU A 86 -8.87 6.70 0.32
N LEU A 87 -7.97 7.66 0.08
CA LEU A 87 -6.53 7.44 0.33
C LEU A 87 -6.24 7.18 1.78
N ALA A 88 -7.04 7.80 2.65
CA ALA A 88 -6.83 7.77 4.09
C ALA A 88 -7.71 6.75 4.79
N ARG A 89 -8.25 5.78 4.06
CA ARG A 89 -9.28 4.90 4.61
C ARG A 89 -8.77 3.91 5.65
N ARG A 90 -7.49 3.51 5.58
CA ARG A 90 -6.91 2.56 6.55
C ARG A 90 -6.67 3.18 7.95
N SER A 91 -6.37 4.48 8.01
CA SER A 91 -6.09 5.15 9.28
C SER A 91 -7.25 6.06 9.73
N ASN A 92 -7.95 5.65 10.79
CA ASN A 92 -9.09 6.41 11.33
C ASN A 92 -8.63 7.81 11.74
N SER A 93 -7.45 7.84 12.34
CA SER A 93 -6.75 9.07 12.68
C SER A 93 -6.67 10.06 11.47
N LEU A 94 -5.98 9.64 10.42
CA LEU A 94 -5.82 10.44 9.21
C LEU A 94 -7.16 10.78 8.54
N LEU A 95 -8.06 9.81 8.43
CA LEU A 95 -9.36 10.07 7.84
C LEU A 95 -10.14 11.17 8.55
N LYS A 96 -10.06 11.26 9.88
CA LYS A 96 -10.80 12.29 10.64
C LYS A 96 -10.21 13.66 10.39
N TYR A 97 -8.88 13.72 10.37
CA TYR A 97 -8.16 14.95 10.06
C TYR A 97 -8.50 15.49 8.64
N ILE A 98 -8.43 14.61 7.64
CA ILE A 98 -8.77 14.97 6.27
C ILE A 98 -10.24 15.34 6.16
N THR A 99 -11.12 14.53 6.77
CA THR A 99 -12.54 14.86 6.74
C THR A 99 -12.87 16.22 7.41
N ASP A 100 -12.10 16.56 8.45
CA ASP A 100 -12.22 17.84 9.13
C ASP A 100 -11.94 18.97 8.17
N LYS A 101 -10.73 18.95 7.59
CA LYS A 101 -10.29 20.01 6.67
C LYS A 101 -11.22 20.14 5.44
N SER A 102 -11.88 19.04 5.04
CA SER A 102 -12.83 19.09 3.93
C SER A 102 -14.10 19.92 4.28
N GLU A 103 -14.52 19.90 5.54
CA GLU A 103 -15.57 20.82 6.00
C GLU A 103 -14.98 22.23 6.25
N GLU A 104 -14.59 22.92 5.17
CA GLU A 104 -14.09 24.29 5.22
C GLU A 104 -14.40 25.04 3.91
N GLU B 11 -25.76 -34.72 16.80
CA GLU B 11 -24.62 -34.40 17.70
C GLU B 11 -24.19 -32.91 17.64
N GLN B 12 -23.59 -32.46 18.74
CA GLN B 12 -23.24 -31.04 18.91
C GLN B 12 -22.02 -30.72 18.04
N GLN B 13 -21.98 -29.53 17.43
CA GLN B 13 -20.74 -29.11 16.75
C GLN B 13 -19.64 -29.02 17.83
N ARG B 14 -18.45 -29.44 17.45
CA ARG B 14 -17.34 -29.51 18.33
C ARG B 14 -16.39 -28.30 18.27
N PHE B 15 -16.21 -27.76 17.09
CA PHE B 15 -15.30 -26.65 16.86
C PHE B 15 -16.07 -25.50 16.33
N SER B 16 -15.74 -24.30 16.76
CA SER B 16 -16.55 -23.13 16.48
C SER B 16 -16.31 -22.64 15.07
N TYR B 17 -17.18 -21.76 14.60
CA TYR B 17 -17.21 -21.38 13.21
C TYR B 17 -15.87 -20.79 12.65
N GLN B 18 -15.26 -19.83 13.35
CA GLN B 18 -14.03 -19.23 12.85
C GLN B 18 -12.86 -20.16 13.10
N GLN B 19 -12.92 -20.97 14.17
CA GLN B 19 -11.96 -22.04 14.32
C GLN B 19 -11.91 -22.95 13.07
N ARG B 20 -13.06 -23.40 12.59
CA ARG B 20 -13.07 -24.26 11.42
C ARG B 20 -12.53 -23.51 10.15
N LEU B 21 -12.89 -22.24 10.00
CA LEU B 21 -12.38 -21.42 8.86
C LEU B 21 -10.82 -21.27 8.92
N LYS B 22 -10.25 -21.04 10.12
CA LYS B 22 -8.79 -20.89 10.29
C LYS B 22 -8.09 -22.19 9.98
N ALA B 23 -8.66 -23.32 10.42
CA ALA B 23 -8.10 -24.63 10.06
C ALA B 23 -8.18 -24.93 8.56
N ALA B 24 -9.27 -24.57 7.89
CA ALA B 24 -9.34 -24.74 6.46
C ALA B 24 -8.29 -23.78 5.75
N VAL B 25 -8.09 -22.57 6.24
CA VAL B 25 -7.10 -21.72 5.66
C VAL B 25 -5.73 -22.35 5.90
N HIS B 26 -5.51 -22.83 7.10
CA HIS B 26 -4.23 -23.41 7.45
C HIS B 26 -3.86 -24.55 6.54
N TYR B 27 -4.84 -25.38 6.20
CA TYR B 27 -4.58 -26.51 5.33
C TYR B 27 -4.11 -26.02 3.94
N THR B 28 -4.79 -25.05 3.38
CA THR B 28 -4.44 -24.60 2.06
C THR B 28 -3.07 -23.88 2.08
N VAL B 29 -2.83 -23.11 3.12
CA VAL B 29 -1.56 -22.38 3.24
C VAL B 29 -0.40 -23.35 3.28
N GLY B 30 -0.59 -24.45 4.00
CA GLY B 30 0.36 -25.52 4.14
C GLY B 30 0.72 -26.12 2.77
N CYS B 31 -0.28 -26.40 1.94
CA CYS B 31 -0.08 -26.97 0.60
C CYS B 31 0.61 -25.93 -0.31
N LEU B 32 0.20 -24.67 -0.25
CA LEU B 32 0.89 -23.63 -0.98
C LEU B 32 2.34 -23.50 -0.57
N CYS B 33 2.61 -23.53 0.73
CA CYS B 33 4.00 -23.41 1.21
C CYS B 33 4.83 -24.67 0.86
N GLU B 34 4.20 -25.83 0.80
CA GLU B 34 4.85 -27.04 0.28
C GLU B 34 5.28 -26.87 -1.18
N GLU B 35 4.44 -26.27 -2.02
CA GLU B 35 4.79 -25.98 -3.43
C GLU B 35 5.95 -24.96 -3.52
N VAL B 36 5.92 -23.91 -2.69
CA VAL B 36 7.03 -22.94 -2.72
C VAL B 36 8.34 -23.58 -2.26
N ALA B 37 8.29 -24.41 -1.22
CA ALA B 37 9.47 -25.08 -0.71
C ALA B 37 10.15 -26.03 -1.75
N LEU B 38 9.34 -26.68 -2.58
CA LEU B 38 9.87 -27.54 -3.63
C LEU B 38 10.50 -26.66 -4.73
N ASP B 39 9.73 -25.67 -5.21
CA ASP B 39 10.16 -24.74 -6.25
C ASP B 39 11.45 -23.98 -5.83
N LYS B 40 11.44 -23.36 -4.64
CA LYS B 40 12.55 -22.53 -4.19
C LYS B 40 13.59 -23.29 -3.44
N GLU B 41 13.38 -24.58 -3.22
CA GLU B 41 14.38 -25.44 -2.55
C GLU B 41 14.76 -25.05 -1.08
N MET B 42 13.76 -24.76 -0.25
CA MET B 42 13.99 -24.29 1.12
C MET B 42 12.74 -24.63 1.93
N GLN B 43 12.92 -25.22 3.10
CA GLN B 43 11.78 -25.65 3.92
C GLN B 43 11.29 -24.54 4.85
N PHE B 44 10.04 -24.65 5.31
CA PHE B 44 9.40 -23.69 6.25
C PHE B 44 9.20 -24.39 7.54
N SER B 45 9.48 -23.75 8.69
CA SER B 45 9.09 -24.33 9.96
C SER B 45 7.54 -24.41 10.08
N LYS B 46 7.07 -25.32 10.92
CA LYS B 46 5.65 -25.40 11.27
C LYS B 46 5.15 -24.05 11.76
N GLN B 47 5.95 -23.36 12.59
CA GLN B 47 5.55 -22.09 13.15
C GLN B 47 5.49 -21.01 12.07
N THR B 48 6.32 -21.11 11.05
CA THR B 48 6.21 -20.14 9.96
C THR B 48 4.93 -20.34 9.22
N ILE B 49 4.61 -21.59 8.95
CA ILE B 49 3.40 -21.91 8.20
C ILE B 49 2.17 -21.41 9.00
N ALA B 50 2.09 -21.67 10.30
CA ALA B 50 1.01 -21.13 11.21
C ALA B 50 0.90 -19.61 11.20
N ALA B 51 2.05 -18.92 11.18
CA ALA B 51 2.04 -17.48 11.13
C ALA B 51 1.54 -16.93 9.78
N ILE B 52 1.90 -17.60 8.69
CA ILE B 52 1.42 -17.20 7.38
C ILE B 52 -0.11 -17.42 7.30
N SER B 53 -0.61 -18.50 7.91
CA SER B 53 -2.02 -18.82 7.92
CA SER B 53 -2.02 -18.73 7.80
C SER B 53 -2.78 -17.77 8.73
N GLU B 54 -2.24 -17.41 9.89
CA GLU B 54 -2.87 -16.35 10.71
C GLU B 54 -2.85 -14.99 9.96
N LEU B 55 -1.72 -14.66 9.33
CA LEU B 55 -1.61 -13.45 8.48
C LEU B 55 -2.68 -13.46 7.38
N THR B 56 -2.88 -14.61 6.76
CA THR B 56 -3.83 -14.73 5.64
C THR B 56 -5.24 -14.52 6.09
N PHE B 57 -5.61 -15.20 7.17
CA PHE B 57 -6.90 -14.98 7.82
C PHE B 57 -7.07 -13.49 8.13
N ARG B 58 -6.10 -12.86 8.79
CA ARG B 58 -6.22 -11.39 9.13
C ARG B 58 -6.32 -10.47 7.93
N GLN B 59 -5.61 -10.79 6.83
CA GLN B 59 -5.61 -9.96 5.64
C GLN B 59 -6.97 -9.93 4.94
N CYS B 60 -7.80 -10.96 5.15
CA CYS B 60 -9.13 -10.97 4.55
C CYS B 60 -10.06 -9.87 5.11
N GLU B 61 -9.81 -9.40 6.33
CA GLU B 61 -10.50 -8.27 6.88
C GLU B 61 -10.23 -7.01 6.06
N ASN B 62 -8.97 -6.75 5.72
CA ASN B 62 -8.57 -5.58 4.93
C ASN B 62 -9.05 -5.65 3.52
N PHE B 63 -8.87 -6.81 2.86
CA PHE B 63 -9.43 -7.04 1.52
C PHE B 63 -10.94 -6.81 1.53
N ALA B 64 -11.64 -7.41 2.49
CA ALA B 64 -13.11 -7.31 2.55
C ALA B 64 -13.54 -5.90 2.71
N LYS B 65 -12.92 -5.16 3.61
CA LYS B 65 -13.35 -3.80 3.86
C LYS B 65 -13.01 -2.85 2.72
N ASP B 66 -11.85 -3.03 2.08
CA ASP B 66 -11.55 -2.30 0.83
C ASP B 66 -12.53 -2.61 -0.29
N LEU B 67 -12.81 -3.88 -0.55
CA LEU B 67 -13.70 -4.23 -1.62
C LEU B 67 -15.07 -3.53 -1.48
N GLU B 68 -15.57 -3.53 -0.24
CA GLU B 68 -16.83 -2.89 0.07
C GLU B 68 -16.77 -1.34 -0.06
N MET B 69 -15.69 -0.70 0.39
CA MET B 69 -15.57 0.74 0.16
C MET B 69 -15.42 1.06 -1.34
N PHE B 70 -14.71 0.22 -2.07
CA PHE B 70 -14.49 0.43 -3.48
C PHE B 70 -15.81 0.27 -4.25
N ALA B 71 -16.64 -0.73 -3.88
CA ALA B 71 -17.92 -0.89 -4.55
C ALA B 71 -18.82 0.29 -4.24
N ARG B 72 -18.87 0.67 -2.96
CA ARG B 72 -19.64 1.80 -2.54
C ARG B 72 -19.21 3.13 -3.24
N HIS B 73 -17.93 3.29 -3.50
CA HIS B 73 -17.40 4.47 -4.24
C HIS B 73 -18.01 4.60 -5.63
N ALA B 74 -18.28 3.45 -6.24
CA ALA B 74 -18.93 3.38 -7.55
C ALA B 74 -20.46 3.16 -7.45
N LYS B 75 -21.05 3.49 -6.30
CA LYS B 75 -22.48 3.39 -6.04
C LYS B 75 -23.06 1.95 -6.20
N ARG B 76 -22.27 0.95 -5.85
CA ARG B 76 -22.65 -0.46 -5.95
C ARG B 76 -22.63 -1.13 -4.57
N THR B 77 -23.51 -2.10 -4.37
CA THR B 77 -23.49 -2.93 -3.16
C THR B 77 -22.99 -4.31 -3.47
N THR B 78 -22.93 -4.66 -4.76
CA THR B 78 -22.37 -5.90 -5.19
C THR B 78 -20.96 -5.63 -5.74
N ILE B 79 -20.00 -6.32 -5.13
CA ILE B 79 -18.57 -6.21 -5.44
C ILE B 79 -18.32 -6.97 -6.68
N ASN B 80 -17.58 -6.35 -7.61
CA ASN B 80 -17.24 -6.96 -8.91
C ASN B 80 -15.73 -7.07 -9.16
N THR B 81 -15.34 -7.61 -10.31
CA THR B 81 -13.93 -7.82 -10.61
C THR B 81 -13.10 -6.52 -10.67
N GLU B 82 -13.75 -5.38 -10.96
CA GLU B 82 -13.08 -4.08 -10.97
C GLU B 82 -12.65 -3.71 -9.58
N ASP B 83 -13.46 -4.06 -8.58
CA ASP B 83 -13.10 -3.78 -7.21
C ASP B 83 -11.88 -4.59 -6.81
N VAL B 84 -11.88 -5.85 -7.19
CA VAL B 84 -10.82 -6.76 -6.85
C VAL B 84 -9.49 -6.30 -7.51
N LYS B 85 -9.56 -5.91 -8.78
CA LYS B 85 -8.36 -5.40 -9.47
C LYS B 85 -7.73 -4.22 -8.75
N LEU B 86 -8.54 -3.31 -8.22
CA LEU B 86 -8.02 -2.20 -7.40
C LEU B 86 -7.21 -2.64 -6.18
N LEU B 87 -7.44 -3.85 -5.65
CA LEU B 87 -6.67 -4.34 -4.52
C LEU B 87 -5.23 -4.63 -4.91
N ALA B 88 -5.02 -4.94 -6.19
CA ALA B 88 -3.71 -5.38 -6.70
C ALA B 88 -2.93 -4.25 -7.35
N ARG B 89 -3.46 -3.03 -7.25
CA ARG B 89 -2.97 -1.89 -8.02
C ARG B 89 -1.55 -1.41 -7.72
N ARG B 90 -1.06 -1.56 -6.49
CA ARG B 90 0.23 -0.94 -6.13
C ARG B 90 1.39 -1.42 -7.02
N SER B 91 1.51 -2.72 -7.24
CA SER B 91 2.59 -3.29 -8.06
C SER B 91 2.06 -3.60 -9.45
N ASN B 92 2.77 -3.16 -10.51
CA ASN B 92 2.34 -3.45 -11.89
C ASN B 92 2.40 -4.94 -12.21
N SER B 93 3.36 -5.65 -11.63
CA SER B 93 3.46 -7.10 -11.83
C SER B 93 2.23 -7.80 -11.20
N LEU B 94 1.85 -7.40 -9.98
CA LEU B 94 0.66 -7.99 -9.32
C LEU B 94 -0.60 -7.66 -10.15
N LEU B 95 -0.74 -6.39 -10.49
CA LEU B 95 -1.88 -5.91 -11.27
C LEU B 95 -2.02 -6.64 -12.60
N LYS B 96 -0.90 -6.81 -13.32
CA LYS B 96 -0.95 -7.53 -14.59
C LYS B 96 -1.26 -8.99 -14.34
N TYR B 97 -0.65 -9.59 -13.32
CA TYR B 97 -0.93 -11.00 -13.01
C TYR B 97 -2.43 -11.26 -12.65
N ILE B 98 -3.04 -10.35 -11.88
CA ILE B 98 -4.46 -10.51 -11.47
C ILE B 98 -5.40 -10.12 -12.62
N THR B 99 -5.03 -9.09 -13.39
CA THR B 99 -5.79 -8.69 -14.58
C THR B 99 -5.77 -9.85 -15.56
N ASP B 100 -4.63 -10.53 -15.70
CA ASP B 100 -4.55 -11.75 -16.49
C ASP B 100 -5.57 -12.78 -15.98
N LYS B 101 -5.31 -13.38 -14.81
CA LYS B 101 -6.15 -14.44 -14.21
C LYS B 101 -7.67 -14.19 -14.31
N SER B 102 -8.05 -12.90 -14.24
CA SER B 102 -9.43 -12.42 -14.46
C SER B 102 -9.99 -12.84 -15.82
N GLU B 103 -9.15 -12.75 -16.85
CA GLU B 103 -9.48 -13.18 -18.20
C GLU B 103 -9.61 -14.71 -18.29
N GLU B 104 -8.68 -15.47 -17.66
CA GLU B 104 -8.73 -16.96 -17.69
C GLU B 104 -10.01 -17.56 -17.06
N ILE B 105 -10.56 -16.86 -16.07
CA ILE B 105 -11.83 -17.26 -15.42
C ILE B 105 -12.98 -17.09 -16.42
N ALA B 106 -12.94 -16.00 -17.18
CA ALA B 106 -13.95 -15.70 -18.22
C ALA B 106 -14.13 -16.84 -19.25
N GLN B 107 -13.04 -17.57 -19.53
CA GLN B 107 -13.05 -18.73 -20.45
C GLN B 107 -14.06 -19.81 -20.08
N GLY C 9 2.83 28.40 9.95
CA GLY C 9 3.97 27.52 9.51
C GLY C 9 4.09 27.37 7.99
N SER C 10 5.10 26.61 7.55
CA SER C 10 5.36 26.41 6.11
C SER C 10 4.45 25.34 5.52
N GLY C 11 4.51 25.19 4.22
CA GLY C 11 3.69 24.22 3.54
C GLY C 11 4.01 24.21 2.06
N PHE C 12 3.44 23.23 1.35
CA PHE C 12 3.60 23.10 -0.09
C PHE C 12 2.73 24.07 -0.85
N ARG C 13 3.26 24.64 -1.92
CA ARG C 13 2.46 25.48 -2.82
C ARG C 13 1.56 24.57 -3.67
N LYS C 14 0.30 24.98 -3.80
CA LYS C 14 -0.73 24.36 -4.66
C LYS C 14 -0.22 24.00 -6.05
N GLU C 15 0.51 24.93 -6.64
CA GLU C 15 0.96 24.77 -8.02
C GLU C 15 2.08 23.68 -8.08
N LEU C 16 2.92 23.58 -7.04
CA LEU C 16 3.89 22.49 -6.99
C LEU C 16 3.17 21.12 -6.87
N VAL C 17 2.18 21.03 -5.99
CA VAL C 17 1.48 19.77 -5.76
C VAL C 17 0.80 19.30 -7.06
N SER C 18 0.07 20.23 -7.70
CA SER C 18 -0.52 20.02 -9.03
C SER C 18 0.48 19.41 -10.04
N ARG C 19 1.64 20.05 -10.16
CA ARG C 19 2.66 19.56 -11.05
C ARG C 19 3.18 18.20 -10.65
N LEU C 20 3.33 17.95 -9.34
CA LEU C 20 3.78 16.65 -8.89
C LEU C 20 2.76 15.55 -9.25
N LEU C 21 1.48 15.82 -9.02
CA LEU C 21 0.42 14.86 -9.35
C LEU C 21 0.32 14.61 -10.84
N HIS C 22 0.41 15.68 -11.65
CA HIS C 22 0.29 15.60 -13.10
C HIS C 22 1.49 14.91 -13.70
N LEU C 23 2.64 15.01 -13.06
CA LEU C 23 3.79 14.24 -13.52
C LEU C 23 3.46 12.77 -13.61
N HIS C 24 2.46 12.31 -12.83
CA HIS C 24 2.25 10.89 -12.72
C HIS C 24 1.00 10.31 -13.24
N PHE C 25 0.03 11.14 -13.61
CA PHE C 25 -1.23 10.63 -14.12
C PHE C 25 -0.95 9.90 -15.44
N LYS C 26 -1.58 8.75 -15.62
CA LYS C 26 -1.46 7.99 -16.86
C LYS C 26 -2.23 8.69 -17.99
N ASP C 27 -3.33 9.37 -17.65
CA ASP C 27 -4.20 9.95 -18.66
C ASP C 27 -4.20 11.48 -18.66
N ASP C 28 -4.04 12.06 -19.85
CA ASP C 28 -3.92 13.53 -20.02
C ASP C 28 -5.20 14.29 -19.67
N LYS C 29 -6.35 13.65 -19.80
CA LYS C 29 -7.63 14.28 -19.45
C LYS C 29 -7.89 14.37 -17.94
N THR C 30 -7.12 13.61 -17.14
CA THR C 30 -7.33 13.55 -15.68
C THR C 30 -7.10 14.92 -15.11
N LYS C 31 -8.03 15.44 -14.30
CA LYS C 31 -7.87 16.71 -13.65
C LYS C 31 -8.13 16.58 -12.15
N VAL C 32 -7.81 17.62 -11.38
CA VAL C 32 -7.99 17.59 -9.93
C VAL C 32 -8.84 18.78 -9.57
N SER C 33 -9.97 18.59 -8.87
CA SER C 33 -10.76 19.74 -8.42
C SER C 33 -9.96 20.65 -7.50
N GLY C 34 -10.37 21.92 -7.42
CA GLY C 34 -9.77 22.89 -6.49
C GLY C 34 -9.71 22.48 -5.02
N ASP C 35 -10.83 21.95 -4.50
CA ASP C 35 -10.89 21.45 -3.11
C ASP C 35 -10.01 20.21 -2.92
N ALA C 36 -10.02 19.31 -3.89
CA ALA C 36 -9.22 18.10 -3.78
C ALA C 36 -7.75 18.51 -3.78
N LEU C 37 -7.39 19.53 -4.55
CA LEU C 37 -5.99 19.93 -4.59
C LEU C 37 -5.54 20.49 -3.22
N GLN C 38 -6.40 21.29 -2.60
CA GLN C 38 -6.09 21.86 -1.23
C GLN C 38 -5.93 20.80 -0.16
N LEU C 39 -6.75 19.76 -0.26
CA LEU C 39 -6.68 18.64 0.67
C LEU C 39 -5.35 17.92 0.48
N MET C 40 -4.90 17.72 -0.76
CA MET C 40 -3.58 17.08 -1.02
C MET C 40 -2.40 17.93 -0.53
N VAL C 41 -2.50 19.25 -0.64
CA VAL C 41 -1.52 20.15 -0.02
C VAL C 41 -1.42 19.83 1.49
N GLU C 42 -2.54 19.63 2.17
CA GLU C 42 -2.51 19.31 3.63
C GLU C 42 -2.02 17.90 3.90
N LEU C 43 -2.45 16.96 3.08
CA LEU C 43 -2.02 15.57 3.23
C LEU C 43 -0.51 15.44 3.08
N LEU C 44 0.08 16.06 2.05
CA LEU C 44 1.55 15.98 1.91
C LEU C 44 2.28 16.59 3.11
N LYS C 45 1.75 17.67 3.64
CA LYS C 45 2.30 18.28 4.84
C LYS C 45 2.28 17.29 6.00
N VAL C 46 1.13 16.69 6.25
CA VAL C 46 1.03 15.77 7.37
C VAL C 46 1.93 14.56 7.19
N PHE C 47 2.16 14.15 5.93
CA PHE C 47 3.03 13.05 5.65
C PHE C 47 4.44 13.46 6.07
N VAL C 48 4.87 14.65 5.67
CA VAL C 48 6.26 15.05 5.98
C VAL C 48 6.45 15.19 7.50
N VAL C 49 5.54 15.91 8.15
CA VAL C 49 5.65 16.11 9.59
C VAL C 49 5.63 14.76 10.36
N GLU C 50 4.75 13.84 9.96
CA GLU C 50 4.76 12.50 10.58
C GLU C 50 6.06 11.83 10.46
N ALA C 51 6.66 11.87 9.26
CA ALA C 51 7.96 11.26 9.08
C ALA C 51 8.97 11.91 10.04
N ALA C 52 9.01 13.25 10.08
CA ALA C 52 10.02 13.94 10.92
C ALA C 52 9.85 13.63 12.43
N VAL C 53 8.63 13.75 12.92
CA VAL C 53 8.35 13.55 14.35
C VAL C 53 8.59 12.09 14.76
N ARG C 54 8.20 11.15 13.90
CA ARG C 54 8.46 9.74 14.19
C ARG C 54 9.93 9.49 14.23
N GLY C 55 10.64 10.12 13.32
CA GLY C 55 12.11 10.02 13.33
C GLY C 55 12.68 10.55 14.66
N VAL C 56 12.12 11.67 15.13
CA VAL C 56 12.54 12.23 16.41
C VAL C 56 12.29 11.22 17.53
N ARG C 57 11.14 10.58 17.55
CA ARG C 57 10.82 9.65 18.65
C ARG C 57 11.74 8.44 18.65
N GLN C 58 12.06 7.93 17.46
CA GLN C 58 13.01 6.84 17.31
C GLN C 58 14.40 7.20 17.83
N ALA C 59 14.94 8.35 17.42
CA ALA C 59 16.26 8.77 17.84
C ALA C 59 16.34 8.92 19.37
N GLN C 60 15.29 9.51 19.95
CA GLN C 60 15.15 9.59 21.42
C GLN C 60 15.07 8.22 22.09
N ALA C 61 14.38 7.26 21.46
CA ALA C 61 14.24 5.90 22.05
C ALA C 61 15.59 5.21 22.00
N GLU C 62 16.48 5.65 21.11
CA GLU C 62 17.83 5.12 20.99
C GLU C 62 18.91 5.96 21.73
N ASP C 63 18.51 6.90 22.60
CA ASP C 63 19.49 7.74 23.30
C ASP C 63 20.49 8.39 22.32
N ALA C 64 19.97 8.79 21.14
CA ALA C 64 20.80 9.38 20.09
C ALA C 64 20.69 10.87 20.21
N LEU C 65 21.64 11.55 19.61
CA LEU C 65 21.82 12.99 19.71
C LEU C 65 21.30 13.75 18.49
N ARG C 66 20.93 13.02 17.43
CA ARG C 66 20.32 13.60 16.22
C ARG C 66 19.53 12.48 15.47
N VAL C 67 18.64 12.86 14.56
CA VAL C 67 17.90 11.89 13.73
C VAL C 67 18.80 11.56 12.53
N ASP C 68 19.33 10.37 12.47
CA ASP C 68 20.14 9.94 11.30
C ASP C 68 19.27 9.02 10.43
N VAL C 69 19.72 8.80 9.20
CA VAL C 69 18.99 7.96 8.23
C VAL C 69 18.68 6.57 8.81
N ASP C 70 19.63 6.03 9.59
CA ASP C 70 19.44 4.77 10.34
C ASP C 70 18.23 4.75 11.28
N GLN C 71 17.88 5.88 11.91
CA GLN C 71 16.62 5.96 12.68
C GLN C 71 15.41 6.13 11.77
N LEU C 72 15.55 6.95 10.72
CA LEU C 72 14.44 7.20 9.81
C LEU C 72 13.98 5.89 9.17
N GLU C 73 14.92 5.03 8.74
CA GLU C 73 14.54 3.75 8.10
C GLU C 73 13.69 2.85 9.01
N LYS C 74 13.90 2.85 10.33
CA LYS C 74 13.06 2.02 11.18
C LYS C 74 11.58 2.49 11.26
N VAL C 75 11.31 3.78 11.04
CA VAL C 75 9.93 4.28 11.15
C VAL C 75 9.19 4.24 9.81
N LEU C 76 9.93 4.28 8.70
CA LEU C 76 9.30 4.36 7.36
C LEU C 76 8.29 3.27 7.04
N PRO C 77 8.56 2.01 7.45
CA PRO C 77 7.59 0.95 7.09
C PRO C 77 6.19 1.12 7.69
N GLN C 78 6.09 1.39 8.97
CA GLN C 78 4.78 1.66 9.52
C GLN C 78 4.20 3.00 8.97
N LEU C 79 5.05 3.98 8.71
CA LEU C 79 4.57 5.26 8.12
C LEU C 79 3.87 5.06 6.76
N LEU C 80 4.50 4.29 5.89
CA LEU C 80 3.93 4.05 4.58
C LEU C 80 2.67 3.20 4.68
N LEU C 81 2.60 2.29 5.65
CA LEU C 81 1.37 1.47 5.86
C LEU C 81 0.20 2.32 6.36
N ASP C 82 0.50 3.38 7.09
CA ASP C 82 -0.53 4.32 7.54
C ASP C 82 -1.04 5.23 6.41
N PHE C 83 -0.13 5.62 5.50
CA PHE C 83 -0.47 6.47 4.34
C PHE C 83 -0.70 5.68 3.04
N GLY D 9 -2.08 -26.47 -9.55
CA GLY D 9 -1.82 -27.05 -8.20
C GLY D 9 -2.86 -26.74 -7.11
N SER D 10 -2.39 -26.42 -5.91
CA SER D 10 -3.30 -26.18 -4.78
C SER D 10 -3.97 -24.81 -4.89
N GLY D 11 -5.12 -24.67 -4.26
CA GLY D 11 -5.88 -23.43 -4.31
C GLY D 11 -6.90 -23.36 -3.20
N PHE D 12 -7.41 -22.15 -2.98
CA PHE D 12 -8.44 -21.92 -1.99
C PHE D 12 -9.79 -22.32 -2.64
N ARG D 13 -10.70 -22.85 -1.84
CA ARG D 13 -12.07 -23.15 -2.28
C ARG D 13 -12.84 -21.82 -2.26
N LYS D 14 -13.66 -21.58 -3.27
CA LYS D 14 -14.43 -20.32 -3.39
C LYS D 14 -15.41 -20.13 -2.20
N GLU D 15 -15.93 -21.24 -1.71
CA GLU D 15 -16.87 -21.26 -0.62
C GLU D 15 -16.20 -20.71 0.64
N LEU D 16 -14.95 -21.15 0.87
CA LEU D 16 -14.17 -20.67 2.01
C LEU D 16 -13.88 -19.18 1.92
N VAL D 17 -13.47 -18.71 0.73
CA VAL D 17 -13.16 -17.31 0.54
C VAL D 17 -14.42 -16.47 0.72
N SER D 18 -15.57 -17.02 0.32
CA SER D 18 -16.83 -16.30 0.50
C SER D 18 -17.07 -16.07 1.99
N ARG D 19 -16.94 -17.13 2.77
CA ARG D 19 -17.12 -17.04 4.22
C ARG D 19 -16.16 -16.12 4.89
N LEU D 20 -14.86 -16.16 4.52
CA LEU D 20 -13.87 -15.25 5.09
C LEU D 20 -14.29 -13.80 4.87
N LEU D 21 -14.64 -13.44 3.64
CA LEU D 21 -15.04 -12.09 3.34
C LEU D 21 -16.29 -11.61 4.09
N HIS D 22 -17.32 -12.44 4.08
CA HIS D 22 -18.60 -12.11 4.71
C HIS D 22 -18.52 -11.94 6.19
N LEU D 23 -17.52 -12.52 6.85
CA LEU D 23 -17.24 -12.21 8.24
C LEU D 23 -16.95 -10.74 8.44
N HIS D 24 -16.37 -10.04 7.46
CA HIS D 24 -15.87 -8.65 7.74
C HIS D 24 -16.57 -7.49 7.12
N PHE D 25 -17.48 -7.75 6.19
CA PHE D 25 -18.28 -6.68 5.58
C PHE D 25 -19.01 -5.84 6.64
N LYS D 26 -18.90 -4.52 6.54
CA LYS D 26 -19.55 -3.57 7.51
C LYS D 26 -21.07 -3.57 7.33
N ASP D 27 -21.54 -3.85 6.12
CA ASP D 27 -22.95 -3.76 5.79
C ASP D 27 -23.47 -5.12 5.36
N ASP D 28 -24.59 -5.50 5.98
CA ASP D 28 -25.31 -6.76 5.69
C ASP D 28 -25.79 -6.94 4.25
N LYS D 29 -26.01 -5.85 3.52
CA LYS D 29 -26.40 -5.98 2.09
C LYS D 29 -25.27 -6.40 1.14
N THR D 30 -24.01 -6.19 1.54
CA THR D 30 -22.87 -6.35 0.62
C THR D 30 -22.83 -7.75 0.12
N LYS D 31 -22.75 -7.90 -1.20
CA LYS D 31 -22.65 -9.19 -1.83
C LYS D 31 -21.40 -9.18 -2.70
N VAL D 32 -21.00 -10.36 -3.13
CA VAL D 32 -19.88 -10.49 -4.04
C VAL D 32 -20.30 -11.27 -5.26
N SER D 33 -19.99 -10.77 -6.45
CA SER D 33 -20.30 -11.47 -7.69
C SER D 33 -19.49 -12.75 -7.80
N GLY D 34 -19.98 -13.69 -8.61
CA GLY D 34 -19.33 -14.96 -8.85
C GLY D 34 -17.93 -14.88 -9.48
N ASP D 35 -17.78 -14.01 -10.47
CA ASP D 35 -16.45 -13.73 -11.02
C ASP D 35 -15.54 -13.05 -9.98
N ALA D 36 -16.04 -12.04 -9.23
CA ALA D 36 -15.20 -11.36 -8.23
C ALA D 36 -14.69 -12.37 -7.20
N LEU D 37 -15.56 -13.30 -6.80
CA LEU D 37 -15.18 -14.33 -5.89
C LEU D 37 -14.04 -15.22 -6.45
N GLN D 38 -14.16 -15.64 -7.71
CA GLN D 38 -13.14 -16.48 -8.31
C GLN D 38 -11.81 -15.74 -8.40
N LEU D 39 -11.87 -14.46 -8.66
CA LEU D 39 -10.66 -13.66 -8.79
C LEU D 39 -10.03 -13.47 -7.40
N MET D 40 -10.87 -13.34 -6.37
CA MET D 40 -10.36 -13.32 -4.98
C MET D 40 -9.66 -14.59 -4.56
N VAL D 41 -10.16 -15.74 -5.00
CA VAL D 41 -9.45 -17.01 -4.82
C VAL D 41 -7.99 -16.89 -5.34
N GLU D 42 -7.81 -16.30 -6.52
CA GLU D 42 -6.46 -16.18 -7.13
C GLU D 42 -5.62 -15.18 -6.36
N LEU D 43 -6.22 -14.07 -5.99
CA LEU D 43 -5.52 -13.02 -5.23
C LEU D 43 -5.00 -13.53 -3.88
N LEU D 44 -5.80 -14.32 -3.19
CA LEU D 44 -5.40 -14.82 -1.86
C LEU D 44 -4.24 -15.83 -2.00
N LYS D 45 -4.29 -16.66 -3.01
CA LYS D 45 -3.18 -17.53 -3.30
C LYS D 45 -1.88 -16.72 -3.55
N VAL D 46 -1.98 -15.63 -4.33
CA VAL D 46 -0.84 -14.79 -4.65
C VAL D 46 -0.25 -14.16 -3.38
N PHE D 47 -1.12 -13.74 -2.45
CA PHE D 47 -0.70 -13.19 -1.18
C PHE D 47 0.12 -14.22 -0.38
N VAL D 48 -0.36 -15.45 -0.30
CA VAL D 48 0.32 -16.50 0.45
C VAL D 48 1.67 -16.89 -0.22
N VAL D 49 1.67 -17.00 -1.55
CA VAL D 49 2.88 -17.32 -2.29
C VAL D 49 3.91 -16.19 -2.13
N GLU D 50 3.47 -14.94 -2.21
CA GLU D 50 4.36 -13.79 -1.97
C GLU D 50 4.99 -13.76 -0.57
N ALA D 51 4.20 -13.98 0.49
CA ALA D 51 4.68 -14.17 1.82
C ALA D 51 5.74 -15.27 1.89
N ALA D 52 5.43 -16.44 1.33
CA ALA D 52 6.36 -17.53 1.38
C ALA D 52 7.67 -17.20 0.60
N VAL D 53 7.54 -16.60 -0.56
CA VAL D 53 8.72 -16.41 -1.43
C VAL D 53 9.62 -15.33 -0.77
N ARG D 54 9.03 -14.28 -0.21
CA ARG D 54 9.79 -13.28 0.51
C ARG D 54 10.47 -13.83 1.74
N GLY D 55 9.81 -14.74 2.44
CA GLY D 55 10.37 -15.38 3.58
C GLY D 55 11.59 -16.22 3.17
N VAL D 56 11.48 -16.96 2.07
CA VAL D 56 12.64 -17.71 1.54
C VAL D 56 13.81 -16.76 1.17
N ARG D 57 13.51 -15.66 0.51
CA ARG D 57 14.59 -14.75 0.12
C ARG D 57 15.30 -14.17 1.38
N GLN D 58 14.54 -13.91 2.45
CA GLN D 58 15.10 -13.40 3.69
C GLN D 58 15.90 -14.49 4.41
N ALA D 59 15.42 -15.74 4.40
CA ALA D 59 16.18 -16.82 5.00
C ALA D 59 17.52 -17.08 4.24
N GLN D 60 17.51 -16.91 2.94
CA GLN D 60 18.73 -17.02 2.14
C GLN D 60 19.77 -15.90 2.48
N ALA D 61 19.30 -14.67 2.59
CA ALA D 61 20.10 -13.50 2.97
C ALA D 61 20.75 -13.68 4.36
N GLU D 62 20.08 -14.37 5.28
CA GLU D 62 20.58 -14.61 6.62
C GLU D 62 21.27 -15.96 6.73
N ASP D 63 21.49 -16.69 5.62
CA ASP D 63 22.22 -17.95 5.64
C ASP D 63 21.54 -18.93 6.59
N ALA D 64 20.23 -19.15 6.41
CA ALA D 64 19.47 -20.07 7.30
C ALA D 64 19.33 -21.43 6.71
N LEU D 65 18.87 -22.30 7.60
CA LEU D 65 18.54 -23.68 7.26
C LEU D 65 17.10 -23.83 6.75
N ARG D 66 16.22 -22.90 7.14
CA ARG D 66 14.81 -22.94 6.80
C ARG D 66 14.25 -21.56 7.03
N VAL D 67 13.00 -21.35 6.65
CA VAL D 67 12.32 -20.10 6.99
C VAL D 67 11.76 -20.30 8.38
N ASP D 68 12.21 -19.46 9.31
CA ASP D 68 11.70 -19.46 10.68
C ASP D 68 10.88 -18.15 10.84
N VAL D 69 10.03 -18.10 11.86
CA VAL D 69 9.13 -16.95 12.07
C VAL D 69 9.82 -15.60 12.15
N ASP D 70 11.00 -15.54 12.77
CA ASP D 70 11.78 -14.29 12.75
C ASP D 70 12.11 -13.79 11.35
N GLN D 71 12.39 -14.69 10.41
CA GLN D 71 12.60 -14.23 9.05
C GLN D 71 11.33 -13.71 8.45
N LEU D 72 10.24 -14.45 8.63
CA LEU D 72 8.98 -14.01 8.11
C LEU D 72 8.60 -12.63 8.66
N GLU D 73 8.80 -12.41 9.96
CA GLU D 73 8.41 -11.13 10.57
C GLU D 73 9.12 -9.94 9.97
N LYS D 74 10.34 -10.13 9.50
CA LYS D 74 11.06 -9.07 8.85
C LYS D 74 10.49 -8.67 7.52
N VAL D 75 9.86 -9.58 6.77
CA VAL D 75 9.39 -9.22 5.42
C VAL D 75 7.93 -8.72 5.42
N LEU D 76 7.27 -8.80 6.57
CA LEU D 76 5.83 -8.52 6.66
C LEU D 76 5.45 -7.11 6.34
N PRO D 77 6.17 -6.11 6.89
CA PRO D 77 5.86 -4.73 6.49
C PRO D 77 5.89 -4.45 5.01
N GLN D 78 6.91 -4.92 4.29
CA GLN D 78 6.96 -4.72 2.84
C GLN D 78 5.89 -5.53 2.10
N LEU D 79 5.61 -6.76 2.55
CA LEU D 79 4.53 -7.56 1.98
C LEU D 79 3.22 -6.77 2.09
N LEU D 80 2.93 -6.26 3.29
CA LEU D 80 1.66 -5.56 3.51
C LEU D 80 1.57 -4.28 2.67
N LEU D 81 2.71 -3.67 2.35
CA LEU D 81 2.68 -2.48 1.50
C LEU D 81 2.25 -2.84 0.09
N ASP D 82 2.61 -4.03 -0.38
CA ASP D 82 2.23 -4.40 -1.72
C ASP D 82 0.77 -4.84 -1.85
N PHE D 83 0.08 -5.09 -0.73
CA PHE D 83 -1.34 -5.53 -0.70
C PHE D 83 -2.25 -4.61 0.18
#